data_4NRN
#
_entry.id   4NRN
#
_cell.length_a   36.012
_cell.length_b   47.028
_cell.length_c   52.599
_cell.angle_alpha   90.00
_cell.angle_beta   110.01
_cell.angle_gamma   90.00
#
_symmetry.space_group_name_H-M   'P 1 21 1'
#
loop_
_entity.id
_entity.type
_entity.pdbx_description
1 polymer 'metal-bound toxin'
2 non-polymer 'ZINC ION'
3 water water
#
_entity_poly.entity_id   1
_entity_poly.type   'polypeptide(L)'
_entity_poly.pdbx_seq_one_letter_code
;MLTIETSKKFDKDLKILVKNGFDLKLLYKVVGNLATEQPLAPKYKDHPLKGGLKDFRECHLKPDLLLVYQIKKQENTLFL
VRLGSHSELFLVPR
;
_entity_poly.pdbx_strand_id   A,B
#
loop_
_chem_comp.id
_chem_comp.type
_chem_comp.name
_chem_comp.formula
ZN non-polymer 'ZINC ION' 'Zn 2'
#
# COMPACT_ATOMS: atom_id res chain seq x y z
N MET A 1 -1.10 -3.75 9.80
CA MET A 1 -1.57 -3.44 8.45
C MET A 1 -1.64 -4.73 7.66
N LEU A 2 -2.76 -4.97 6.98
CA LEU A 2 -2.92 -6.16 6.16
C LEU A 2 -1.86 -6.19 5.06
N THR A 3 -1.31 -7.37 4.79
CA THR A 3 -0.45 -7.58 3.63
C THR A 3 -1.27 -7.27 2.38
N ILE A 4 -0.66 -6.58 1.42
CA ILE A 4 -1.37 -6.17 0.21
C ILE A 4 -0.82 -6.94 -0.97
N GLU A 5 -1.67 -7.74 -1.60
CA GLU A 5 -1.24 -8.54 -2.73
C GLU A 5 -2.15 -8.31 -3.90
N THR A 6 -1.60 -8.35 -5.10
CA THR A 6 -2.39 -8.12 -6.29
C THR A 6 -2.50 -9.39 -7.13
N SER A 7 -3.50 -9.41 -8.00
CA SER A 7 -3.63 -10.46 -9.02
C SER A 7 -2.87 -10.05 -10.28
N LYS A 8 -2.72 -10.99 -11.20
CA LYS A 8 -2.09 -10.70 -12.50
C LYS A 8 -3.02 -9.81 -13.37
N LYS A 9 -4.33 -9.96 -13.22
CA LYS A 9 -5.29 -9.13 -13.96
C LYS A 9 -5.30 -7.71 -13.42
N PHE A 10 -5.25 -7.56 -12.10
CA PHE A 10 -5.17 -6.24 -11.51
C PHE A 10 -3.95 -5.49 -12.01
N ASP A 11 -2.81 -6.16 -12.03
CA ASP A 11 -1.58 -5.51 -12.49
C ASP A 11 -1.74 -4.97 -13.91
N LYS A 12 -2.34 -5.76 -14.79
CA LYS A 12 -2.59 -5.29 -16.15
C LYS A 12 -3.55 -4.10 -16.16
N ASP A 13 -4.63 -4.18 -15.39
CA ASP A 13 -5.60 -3.09 -15.29
C ASP A 13 -4.93 -1.76 -14.95
N LEU A 14 -4.04 -1.80 -13.97
CA LEU A 14 -3.39 -0.60 -13.47
C LEU A 14 -2.40 -0.04 -14.49
N LYS A 15 -1.52 -0.91 -14.99
CA LYS A 15 -0.55 -0.56 -16.04
C LYS A 15 -1.24 0.24 -17.15
N ILE A 16 -2.33 -0.32 -17.65
CA ILE A 16 -3.20 0.31 -18.63
C ILE A 16 -3.74 1.66 -18.15
N LEU A 17 -4.30 1.68 -16.93
CA LEU A 17 -4.91 2.88 -16.36
C LEU A 17 -3.90 4.00 -16.23
N VAL A 18 -2.71 3.66 -15.76
CA VAL A 18 -1.62 4.61 -15.64
C VAL A 18 -1.37 5.26 -16.99
N LYS A 19 -1.32 4.44 -18.04
CA LYS A 19 -1.10 4.93 -19.41
C LYS A 19 -2.15 5.95 -19.86
N ASN A 20 -3.34 5.86 -19.28
CA ASN A 20 -4.42 6.80 -19.61
C ASN A 20 -4.59 7.92 -18.57
N GLY A 21 -3.59 8.10 -17.71
CA GLY A 21 -3.53 9.27 -16.85
C GLY A 21 -4.06 9.12 -15.43
N PHE A 22 -4.37 7.89 -15.02
CA PHE A 22 -4.84 7.60 -13.67
C PHE A 22 -3.85 8.08 -12.58
N ASP A 23 -4.37 8.65 -11.50
CA ASP A 23 -3.53 9.11 -10.40
C ASP A 23 -3.29 7.99 -9.38
N LEU A 24 -2.07 7.47 -9.32
CA LEU A 24 -1.80 6.35 -8.41
C LEU A 24 -2.03 6.75 -6.96
N LYS A 25 -1.92 8.03 -6.67
CA LYS A 25 -2.10 8.50 -5.31
C LYS A 25 -3.54 8.29 -4.83
N LEU A 26 -4.47 8.25 -5.78
CA LEU A 26 -5.86 7.92 -5.46
C LEU A 26 -5.92 6.49 -4.93
N LEU A 27 -5.23 5.61 -5.63
CA LEU A 27 -5.14 4.20 -5.26
C LEU A 27 -4.45 3.98 -3.91
N TYR A 28 -3.28 4.61 -3.72
CA TYR A 28 -2.52 4.45 -2.48
C TYR A 28 -3.36 4.83 -1.27
N LYS A 29 -4.16 5.87 -1.42
CA LYS A 29 -4.93 6.41 -0.33
C LYS A 29 -6.05 5.45 0.06
N VAL A 30 -6.75 4.94 -0.94
CA VAL A 30 -7.82 3.96 -0.71
C VAL A 30 -7.29 2.60 -0.22
N VAL A 31 -6.27 2.06 -0.88
CA VAL A 31 -5.71 0.76 -0.48
C VAL A 31 -5.09 0.81 0.91
N GLY A 32 -4.48 1.95 1.24
CA GLY A 32 -3.92 2.17 2.57
C GLY A 32 -4.96 1.98 3.66
N ASN A 33 -6.05 2.75 3.59
CA ASN A 33 -7.13 2.64 4.58
C ASN A 33 -7.70 1.24 4.67
N LEU A 34 -8.01 0.66 3.51
CA LEU A 34 -8.54 -0.69 3.47
C LEU A 34 -7.64 -1.64 4.28
N ALA A 35 -6.35 -1.60 4.00
CA ALA A 35 -5.36 -2.48 4.64
C ALA A 35 -5.13 -2.24 6.15
N THR A 36 -5.34 -1.02 6.63
CA THR A 36 -5.30 -0.76 8.06
C THR A 36 -6.72 -0.77 8.63
N GLU A 37 -7.63 -1.29 7.81
CA GLU A 37 -9.04 -1.53 8.18
C GLU A 37 -9.77 -0.33 8.80
N GLN A 38 -9.57 0.85 8.23
CA GLN A 38 -10.29 2.05 8.65
C GLN A 38 -11.41 2.37 7.67
N PRO A 39 -12.44 3.11 8.13
CA PRO A 39 -13.54 3.46 7.23
C PRO A 39 -13.09 4.41 6.12
N LEU A 40 -13.66 4.23 4.93
CA LEU A 40 -13.31 5.08 3.79
C LEU A 40 -14.02 6.43 3.84
N ALA A 41 -13.43 7.42 3.19
CA ALA A 41 -14.05 8.72 3.00
C ALA A 41 -15.38 8.54 2.27
N PRO A 42 -16.37 9.42 2.55
CA PRO A 42 -17.73 9.22 2.05
C PRO A 42 -17.75 9.00 0.55
N LYS A 43 -16.84 9.67 -0.14
CA LYS A 43 -16.72 9.60 -1.59
C LYS A 43 -16.70 8.14 -2.06
N TYR A 44 -15.93 7.33 -1.34
CA TYR A 44 -15.56 6.01 -1.84
C TYR A 44 -16.57 4.94 -1.42
N LYS A 45 -17.64 4.81 -2.20
CA LYS A 45 -18.68 3.83 -1.96
C LYS A 45 -18.10 2.42 -1.91
N ASP A 46 -18.50 1.67 -0.89
CA ASP A 46 -17.88 0.38 -0.58
C ASP A 46 -18.95 -0.61 -0.15
N HIS A 47 -19.07 -1.71 -0.89
CA HIS A 47 -20.04 -2.72 -0.53
C HIS A 47 -19.55 -4.07 -1.03
N PRO A 48 -20.13 -5.16 -0.51
CA PRO A 48 -19.81 -6.48 -1.04
C PRO A 48 -20.22 -6.61 -2.50
N LEU A 49 -19.54 -7.48 -3.23
CA LEU A 49 -19.96 -7.83 -4.58
C LEU A 49 -21.09 -8.85 -4.51
N LYS A 50 -22.31 -8.43 -4.83
CA LYS A 50 -23.41 -9.38 -4.98
C LYS A 50 -23.14 -10.15 -6.27
N GLY A 51 -23.18 -11.47 -6.19
CA GLY A 51 -22.83 -12.30 -7.33
C GLY A 51 -21.46 -12.92 -7.13
N GLY A 52 -20.70 -12.37 -6.19
CA GLY A 52 -19.48 -13.02 -5.76
C GLY A 52 -19.78 -13.81 -4.49
N LEU A 53 -19.91 -15.14 -4.65
CA LEU A 53 -20.18 -16.04 -3.52
C LEU A 53 -18.95 -16.19 -2.62
N LYS A 54 -17.88 -15.52 -3.00
CA LYS A 54 -16.68 -15.39 -2.16
C LYS A 54 -16.63 -13.92 -1.76
N ASP A 55 -16.18 -13.64 -0.54
CA ASP A 55 -16.33 -12.28 0.01
C ASP A 55 -15.55 -11.19 -0.74
N PHE A 56 -15.86 -11.04 -2.02
CA PHE A 56 -15.38 -9.92 -2.82
C PHE A 56 -16.12 -8.64 -2.42
N ARG A 57 -15.39 -7.53 -2.35
CA ARG A 57 -15.99 -6.22 -2.14
C ARG A 57 -15.66 -5.28 -3.28
N GLU A 58 -16.38 -4.17 -3.34
CA GLU A 58 -16.30 -3.26 -4.45
C GLU A 58 -16.20 -1.84 -3.91
N CYS A 59 -15.11 -1.17 -4.26
CA CYS A 59 -14.88 0.20 -3.82
C CYS A 59 -14.92 1.13 -5.02
N HIS A 60 -15.63 2.24 -4.87
CA HIS A 60 -15.74 3.23 -5.93
C HIS A 60 -14.65 4.29 -5.80
N LEU A 61 -13.55 4.11 -6.53
CA LEU A 61 -12.45 5.09 -6.55
C LEU A 61 -12.92 6.34 -7.28
N LYS A 62 -13.75 6.10 -8.29
CA LYS A 62 -14.54 7.12 -8.94
C LYS A 62 -15.87 6.43 -9.22
N PRO A 63 -16.96 7.20 -9.34
CA PRO A 63 -18.27 6.54 -9.48
C PRO A 63 -18.31 5.41 -10.52
N ASP A 64 -17.44 5.44 -11.53
CA ASP A 64 -17.28 4.27 -12.41
C ASP A 64 -15.80 3.86 -12.65
N LEU A 65 -14.99 3.92 -11.59
CA LEU A 65 -13.70 3.23 -11.54
C LEU A 65 -13.64 2.42 -10.25
N LEU A 66 -13.83 1.11 -10.40
CA LEU A 66 -14.01 0.18 -9.28
C LEU A 66 -12.73 -0.56 -8.89
N LEU A 67 -12.50 -0.64 -7.58
CA LEU A 67 -11.45 -1.49 -7.03
C LEU A 67 -12.15 -2.70 -6.45
N VAL A 68 -12.01 -3.86 -7.10
CA VAL A 68 -12.56 -5.08 -6.55
C VAL A 68 -11.49 -5.76 -5.72
N TYR A 69 -11.79 -5.99 -4.45
CA TYR A 69 -10.78 -6.52 -3.54
C TYR A 69 -11.38 -7.55 -2.64
N GLN A 70 -10.50 -8.28 -1.98
CA GLN A 70 -10.92 -9.37 -1.11
C GLN A 70 -10.03 -9.32 0.10
N ILE A 71 -10.63 -9.24 1.28
CA ILE A 71 -9.83 -9.37 2.49
C ILE A 71 -9.81 -10.83 2.90
N LYS A 72 -8.59 -11.36 3.03
CA LYS A 72 -8.38 -12.73 3.52
C LYS A 72 -7.82 -12.67 4.93
N LYS A 73 -8.68 -12.46 5.92
CA LYS A 73 -8.26 -12.25 7.30
C LYS A 73 -7.45 -13.42 7.87
N GLN A 74 -7.70 -14.60 7.35
CA GLN A 74 -7.03 -15.83 7.79
C GLN A 74 -5.54 -15.79 7.46
N GLU A 75 -5.19 -15.07 6.41
CA GLU A 75 -3.78 -14.90 6.03
C GLU A 75 -3.29 -13.48 6.33
N ASN A 76 -4.18 -12.64 6.84
CA ASN A 76 -3.86 -11.24 7.10
C ASN A 76 -3.58 -10.50 5.79
N THR A 77 -4.43 -10.73 4.80
CA THR A 77 -4.14 -10.22 3.46
C THR A 77 -5.32 -9.49 2.80
N LEU A 78 -5.01 -8.32 2.25
CA LEU A 78 -5.91 -7.60 1.37
C LEU A 78 -5.51 -7.94 -0.06
N PHE A 79 -6.42 -8.55 -0.81
CA PHE A 79 -6.13 -9.01 -2.16
C PHE A 79 -6.76 -8.07 -3.20
N LEU A 80 -5.94 -7.41 -4.01
CA LEU A 80 -6.48 -6.52 -5.06
C LEU A 80 -6.74 -7.29 -6.36
N VAL A 81 -8.02 -7.39 -6.72
CA VAL A 81 -8.47 -8.32 -7.76
C VAL A 81 -8.63 -7.71 -9.15
N ARG A 82 -9.36 -6.61 -9.26
CA ARG A 82 -9.50 -5.93 -10.55
C ARG A 82 -9.68 -4.43 -10.33
N LEU A 83 -9.35 -3.65 -11.35
CA LEU A 83 -9.45 -2.19 -11.29
C LEU A 83 -9.89 -1.70 -12.65
N GLY A 84 -11.10 -1.17 -12.72
CA GLY A 84 -11.67 -0.77 -14.00
C GLY A 84 -13.12 -0.37 -13.91
N SER A 85 -13.75 -0.13 -15.05
CA SER A 85 -15.16 0.26 -15.07
C SER A 85 -16.05 -0.97 -14.92
N HIS A 86 -17.34 -0.74 -14.68
CA HIS A 86 -18.31 -1.82 -14.65
C HIS A 86 -18.24 -2.59 -15.98
N SER A 87 -18.27 -1.84 -17.07
CA SER A 87 -18.22 -2.42 -18.41
C SER A 87 -17.00 -3.32 -18.61
N GLU A 88 -15.86 -2.90 -18.06
CA GLU A 88 -14.61 -3.65 -18.24
C GLU A 88 -14.48 -4.88 -17.36
N LEU A 89 -15.07 -4.86 -16.18
CA LEU A 89 -14.89 -5.95 -15.24
C LEU A 89 -15.98 -7.01 -15.39
N PHE A 90 -17.16 -6.57 -15.80
CA PHE A 90 -18.34 -7.43 -15.81
C PHE A 90 -18.86 -7.69 -17.22
N MET B 1 2.74 -4.40 -9.51
CA MET B 1 3.05 -3.74 -8.24
C MET B 1 3.64 -4.74 -7.26
N LEU B 2 4.62 -4.32 -6.46
CA LEU B 2 5.20 -5.20 -5.46
C LEU B 2 4.19 -5.56 -4.39
N THR B 3 4.17 -6.82 -3.98
CA THR B 3 3.44 -7.23 -2.78
C THR B 3 3.96 -6.40 -1.61
N ILE B 4 3.07 -6.00 -0.71
CA ILE B 4 3.45 -5.12 0.40
C ILE B 4 3.23 -5.81 1.74
N GLU B 5 4.32 -6.26 2.34
CA GLU B 5 4.23 -6.92 3.63
C GLU B 5 4.93 -6.09 4.70
N THR B 6 4.54 -6.29 5.95
CA THR B 6 5.13 -5.58 7.06
C THR B 6 5.72 -6.59 8.02
N SER B 7 6.66 -6.16 8.85
CA SER B 7 7.17 -7.00 9.92
C SER B 7 6.38 -6.71 11.20
N LYS B 8 6.41 -7.65 12.14
CA LYS B 8 5.69 -7.45 13.38
C LYS B 8 6.15 -6.17 14.08
N LYS B 9 7.47 -5.93 14.09
CA LYS B 9 8.03 -4.73 14.73
C LYS B 9 7.42 -3.49 14.09
N PHE B 10 7.35 -3.47 12.76
CA PHE B 10 6.79 -2.34 12.04
C PHE B 10 5.32 -2.12 12.41
N ASP B 11 4.59 -3.21 12.58
CA ASP B 11 3.21 -3.08 13.01
C ASP B 11 3.17 -2.37 14.38
N LYS B 12 4.09 -2.74 15.27
CA LYS B 12 4.19 -2.08 16.57
C LYS B 12 4.54 -0.60 16.44
N ASP B 13 5.56 -0.32 15.63
CA ASP B 13 5.97 1.04 15.31
C ASP B 13 4.79 1.90 14.90
N LEU B 14 4.04 1.42 13.92
CA LEU B 14 2.94 2.17 13.34
C LEU B 14 1.86 2.49 14.36
N LYS B 15 1.60 1.54 15.27
CA LYS B 15 0.53 1.66 16.26
C LYS B 15 0.80 2.81 17.24
N ILE B 16 2.05 2.89 17.69
CA ILE B 16 2.50 3.97 18.56
C ILE B 16 2.47 5.31 17.83
N LEU B 17 3.03 5.34 16.63
CA LEU B 17 2.99 6.53 15.77
C LEU B 17 1.59 7.06 15.56
N VAL B 18 0.71 6.19 15.06
CA VAL B 18 -0.65 6.60 14.76
C VAL B 18 -1.38 7.04 16.03
N LYS B 19 -0.96 6.49 17.17
CA LYS B 19 -1.51 6.90 18.47
C LYS B 19 -0.99 8.27 18.89
N ASN B 20 0.11 8.71 18.29
CA ASN B 20 0.68 10.02 18.61
C ASN B 20 0.51 11.04 17.49
N GLY B 21 -0.46 10.81 16.62
CA GLY B 21 -0.85 11.78 15.61
C GLY B 21 -0.26 11.62 14.22
N PHE B 22 0.31 10.46 13.93
CA PHE B 22 0.87 10.21 12.60
C PHE B 22 -0.23 10.10 11.53
N ASP B 23 -0.08 10.87 10.46
CA ASP B 23 -1.00 10.79 9.33
C ASP B 23 -0.64 9.62 8.43
N LEU B 24 -1.51 8.61 8.40
CA LEU B 24 -1.27 7.41 7.61
C LEU B 24 -1.12 7.71 6.12
N LYS B 25 -1.72 8.79 5.65
CA LYS B 25 -1.69 9.12 4.24
C LYS B 25 -0.26 9.38 3.75
N LEU B 26 0.58 9.90 4.65
CA LEU B 26 1.98 10.08 4.36
C LEU B 26 2.61 8.74 4.04
N LEU B 27 2.43 7.77 4.94
CA LEU B 27 2.92 6.41 4.72
C LEU B 27 2.41 5.79 3.41
N TYR B 28 1.11 5.94 3.14
CA TYR B 28 0.48 5.34 1.96
C TYR B 28 1.13 5.90 0.72
N LYS B 29 1.33 7.22 0.72
CA LYS B 29 1.90 7.91 -0.43
C LYS B 29 3.33 7.44 -0.72
N VAL B 30 4.17 7.37 0.32
CA VAL B 30 5.57 6.93 0.14
C VAL B 30 5.70 5.44 -0.17
N VAL B 31 5.07 4.60 0.65
CA VAL B 31 5.07 3.17 0.40
C VAL B 31 4.45 2.87 -0.97
N GLY B 32 3.37 3.57 -1.28
CA GLY B 32 2.75 3.48 -2.57
C GLY B 32 3.71 3.64 -3.73
N ASN B 33 4.66 4.55 -3.60
CA ASN B 33 5.63 4.79 -4.67
C ASN B 33 6.79 3.82 -4.68
N LEU B 34 7.17 3.35 -3.51
CA LEU B 34 8.19 2.32 -3.43
C LEU B 34 7.71 1.04 -4.10
N ALA B 35 6.44 0.72 -3.89
CA ALA B 35 5.87 -0.53 -4.39
C ALA B 35 5.62 -0.53 -5.90
N THR B 36 5.34 0.64 -6.47
CA THR B 36 5.19 0.76 -7.91
C THR B 36 6.56 1.08 -8.54
N GLU B 37 7.55 1.23 -7.66
CA GLU B 37 8.94 1.45 -8.06
C GLU B 37 9.13 2.72 -8.91
N GLN B 38 8.62 3.83 -8.40
CA GLN B 38 8.77 5.13 -9.05
C GLN B 38 9.54 6.06 -8.13
N PRO B 39 10.33 6.99 -8.70
CA PRO B 39 11.15 7.89 -7.88
C PRO B 39 10.32 8.48 -6.72
N LEU B 40 10.97 8.78 -5.60
CA LEU B 40 10.32 9.50 -4.51
C LEU B 40 10.36 11.00 -4.76
N ALA B 41 9.45 11.72 -4.10
CA ALA B 41 9.50 13.17 -4.08
C ALA B 41 10.89 13.65 -3.62
N PRO B 42 11.19 14.95 -3.79
CA PRO B 42 12.47 15.48 -3.28
C PRO B 42 12.53 15.40 -1.75
N LYS B 43 11.38 15.61 -1.13
CA LYS B 43 11.26 15.65 0.32
C LYS B 43 11.78 14.36 0.99
N TYR B 44 11.58 13.23 0.32
CA TYR B 44 11.81 11.93 0.93
C TYR B 44 13.17 11.36 0.51
N LYS B 45 14.22 11.83 1.17
CA LYS B 45 15.56 11.34 0.94
C LYS B 45 15.59 9.82 1.10
N ASP B 46 16.26 9.15 0.17
CA ASP B 46 16.25 7.70 0.09
C ASP B 46 17.67 7.22 -0.21
N HIS B 47 18.07 6.14 0.46
CA HIS B 47 19.42 5.64 0.34
C HIS B 47 19.54 4.31 1.08
N PRO B 48 20.57 3.53 0.75
CA PRO B 48 20.80 2.26 1.44
C PRO B 48 21.21 2.53 2.88
N LEU B 49 20.90 1.60 3.77
CA LEU B 49 21.41 1.66 5.14
C LEU B 49 22.87 1.24 5.12
N LYS B 50 23.76 2.22 5.32
CA LYS B 50 25.19 1.94 5.32
C LYS B 50 25.51 0.99 6.47
N GLY B 51 26.40 0.04 6.22
CA GLY B 51 26.83 -0.89 7.27
C GLY B 51 25.86 -2.05 7.44
N GLY B 52 25.27 -2.47 6.34
CA GLY B 52 24.42 -3.64 6.33
C GLY B 52 24.70 -4.42 5.07
N LEU B 53 25.01 -5.70 5.22
CA LEU B 53 25.27 -6.56 4.06
C LEU B 53 23.96 -7.13 3.49
N LYS B 54 22.83 -6.64 4.01
CA LYS B 54 21.51 -6.97 3.48
C LYS B 54 20.89 -5.70 2.88
N ASP B 55 20.19 -5.84 1.76
CA ASP B 55 19.73 -4.67 1.00
C ASP B 55 18.60 -3.88 1.64
N PHE B 56 18.82 -3.46 2.88
CA PHE B 56 17.95 -2.49 3.53
C PHE B 56 18.15 -1.09 2.96
N ARG B 57 17.04 -0.37 2.83
CA ARG B 57 17.06 1.04 2.45
C ARG B 57 16.25 1.82 3.47
N GLU B 58 16.52 3.11 3.55
CA GLU B 58 15.89 3.99 4.52
C GLU B 58 15.35 5.19 3.78
N CYS B 59 14.08 5.48 3.97
CA CYS B 59 13.43 6.60 3.34
C CYS B 59 12.99 7.54 4.44
N HIS B 60 13.13 8.84 4.21
CA HIS B 60 12.82 9.82 5.25
C HIS B 60 11.40 10.36 5.10
N LEU B 61 10.43 9.70 5.72
CA LEU B 61 9.07 10.23 5.74
C LEU B 61 9.09 11.67 6.23
N LYS B 62 9.79 11.90 7.34
CA LYS B 62 10.15 13.23 7.79
C LYS B 62 11.67 13.25 7.93
N PRO B 63 12.29 14.41 8.16
CA PRO B 63 13.75 14.33 8.22
C PRO B 63 14.22 13.36 9.31
N ASP B 64 13.46 13.24 10.39
CA ASP B 64 13.79 12.27 11.45
C ASP B 64 12.69 11.23 11.72
N LEU B 65 11.93 10.89 10.68
CA LEU B 65 11.00 9.77 10.73
C LEU B 65 11.33 8.82 9.59
N LEU B 66 11.89 7.67 9.94
CA LEU B 66 12.50 6.76 8.96
C LEU B 66 11.67 5.51 8.68
N LEU B 67 11.43 5.25 7.40
CA LEU B 67 10.92 3.97 6.95
C LEU B 67 12.12 3.15 6.51
N VAL B 68 12.40 2.07 7.25
CA VAL B 68 13.40 1.10 6.85
C VAL B 68 12.68 -0.01 6.11
N TYR B 69 13.13 -0.31 4.90
CA TYR B 69 12.49 -1.35 4.08
C TYR B 69 13.50 -2.20 3.34
N GLN B 70 12.98 -3.11 2.54
CA GLN B 70 13.82 -4.01 1.77
C GLN B 70 12.99 -4.49 0.61
N ILE B 71 13.55 -4.46 -0.59
CA ILE B 71 12.83 -4.99 -1.74
C ILE B 71 13.41 -6.35 -2.13
N LYS B 72 12.66 -7.40 -1.84
CA LYS B 72 13.06 -8.76 -2.18
C LYS B 72 12.55 -9.11 -3.57
N LYS B 73 13.30 -8.70 -4.60
CA LYS B 73 12.86 -8.84 -6.00
C LYS B 73 12.50 -10.26 -6.42
N GLN B 74 13.18 -11.25 -5.86
CA GLN B 74 12.87 -12.65 -6.18
C GLN B 74 11.47 -13.06 -5.72
N GLU B 75 10.98 -12.44 -4.66
CA GLU B 75 9.64 -12.72 -4.20
C GLU B 75 8.67 -11.60 -4.60
N ASN B 76 9.13 -10.71 -5.47
CA ASN B 76 8.31 -9.60 -5.92
C ASN B 76 7.69 -8.86 -4.73
N THR B 77 8.49 -8.65 -3.69
CA THR B 77 7.96 -8.11 -2.44
C THR B 77 8.69 -6.85 -2.00
N LEU B 78 7.92 -5.92 -1.44
CA LEU B 78 8.45 -4.78 -0.71
C LEU B 78 8.19 -5.06 0.77
N PHE B 79 9.26 -5.16 1.55
CA PHE B 79 9.16 -5.50 2.98
C PHE B 79 9.34 -4.28 3.87
N LEU B 80 8.30 -3.90 4.62
CA LEU B 80 8.40 -2.76 5.54
C LEU B 80 8.97 -3.20 6.90
N VAL B 81 10.18 -2.74 7.22
CA VAL B 81 10.95 -3.29 8.34
C VAL B 81 10.76 -2.54 9.68
N ARG B 82 10.98 -1.23 9.72
CA ARG B 82 10.72 -0.43 10.93
C ARG B 82 10.23 0.94 10.53
N LEU B 83 9.70 1.69 11.50
CA LEU B 83 9.24 3.07 11.28
C LEU B 83 9.43 3.90 12.55
N GLY B 84 10.31 4.89 12.50
CA GLY B 84 10.55 5.74 13.65
C GLY B 84 11.77 6.63 13.50
N SER B 85 12.06 7.44 14.52
CA SER B 85 13.23 8.31 14.48
C SER B 85 14.51 7.49 14.40
N HIS B 86 15.62 8.17 14.15
CA HIS B 86 16.94 7.54 14.18
C HIS B 86 17.20 6.96 15.56
N SER B 87 16.93 7.76 16.58
CA SER B 87 17.15 7.34 17.97
C SER B 87 16.36 6.07 18.37
N GLU B 88 15.16 5.90 17.82
CA GLU B 88 14.33 4.76 18.18
C GLU B 88 14.72 3.49 17.42
N LEU B 89 15.47 3.63 16.35
CA LEU B 89 15.83 2.49 15.52
C LEU B 89 17.26 2.03 15.79
N PHE B 90 18.11 2.96 16.21
CA PHE B 90 19.54 2.69 16.33
C PHE B 90 20.08 2.93 17.74
ZN ZN C . -20.70 -0.34 -6.53
ZN ZN D . -21.67 -1.65 -8.92
ZN ZN E . 19.27 8.93 5.96
ZN ZN F . 20.06 7.30 8.77
#